data_6YQ6
#
_entry.id   6YQ6
#
_cell.length_a   185.994
_cell.length_b   185.994
_cell.length_c   75.638
_cell.angle_alpha   90.000
_cell.angle_beta   90.000
_cell.angle_gamma   120.000
#
_symmetry.space_group_name_H-M   'P 61 2 2'
#
loop_
_entity.id
_entity.type
_entity.pdbx_description
1 polymer Monooxygenase
2 non-polymer 1,2-ETHANEDIOL
3 non-polymer DI(HYDROXYETHYL)ETHER
4 non-polymer 'SULFATE ION'
5 water water
#
_entity_poly.entity_id   1
_entity_poly.type   'polypeptide(L)'
_entity_poly.pdbx_seq_one_letter_code
;MSRLTGKNALVTGSSRGIGRATAVRLAREGALVAVHYASNEAAADETVAQIEREGGRAFPVRAELGVAGDVHELFLGLEQ
GLKERTGETTLDILVNNAAVTGVDGILPEDVTAEQLDRYYAVNAKAPFLLVQRAVRNMPDGGRIINISSGLTRCAVPEQV
AYSMTKGALEQITLHMAKHLAPRGITVNSVAPGITDNGGAVFDIPEIVEQMAQSSAFKRVGEAGDVADVVTFIATDESRW
ITGAFIDASGGTLLG
;
_entity_poly.pdbx_strand_id   AAA,BBB
#
# COMPACT_ATOMS: atom_id res chain seq x y z
N MET A 1 -0.88 12.34 -11.74
CA MET A 1 -0.33 12.09 -13.08
C MET A 1 1.11 12.61 -13.20
N SER A 2 1.58 13.62 -12.41
CA SER A 2 3.01 14.10 -12.46
C SER A 2 3.62 14.27 -11.06
N ARG A 3 3.64 13.17 -10.33
CA ARG A 3 4.11 13.06 -8.95
C ARG A 3 5.64 12.85 -8.86
N LEU A 4 6.39 12.56 -9.93
CA LEU A 4 7.85 12.23 -9.80
C LEU A 4 8.73 13.17 -10.65
N THR A 5 8.21 14.33 -11.03
CA THR A 5 8.95 15.36 -11.83
C THR A 5 10.23 15.72 -11.13
N GLY A 6 11.36 15.62 -11.83
CA GLY A 6 12.67 15.97 -11.29
C GLY A 6 13.30 14.88 -10.47
N LYS A 7 12.68 13.71 -10.32
CA LYS A 7 13.31 12.55 -9.66
C LYS A 7 14.01 11.69 -10.70
N ASN A 8 15.09 11.01 -10.28
CA ASN A 8 15.86 10.02 -11.06
C ASN A 8 15.59 8.65 -10.46
N ALA A 9 15.34 7.68 -11.30
CA ALA A 9 15.00 6.30 -10.89
C ALA A 9 15.87 5.35 -11.67
N LEU A 10 16.32 4.28 -11.00
CA LEU A 10 16.96 3.13 -11.65
C LEU A 10 16.02 1.94 -11.48
N VAL A 11 15.66 1.28 -12.57
CA VAL A 11 14.89 0.02 -12.52
C VAL A 11 15.79 -1.06 -13.08
N THR A 12 16.22 -1.99 -12.24
CA THR A 12 17.06 -3.12 -12.74
C THR A 12 16.15 -4.07 -13.50
N GLY A 13 16.68 -4.65 -14.55
CA GLY A 13 15.90 -5.62 -15.34
C GLY A 13 14.65 -5.02 -15.91
N SER A 14 14.73 -3.83 -16.50
CA SER A 14 13.53 -3.13 -17.02
C SER A 14 13.36 -3.26 -18.51
N SER A 15 13.99 -4.25 -19.14
CA SER A 15 13.80 -4.42 -20.58
C SER A 15 12.47 -5.17 -20.85
N ARG A 16 11.88 -5.78 -19.82
CA ARG A 16 10.72 -6.67 -20.03
C ARG A 16 9.89 -6.79 -18.75
N GLY A 17 8.66 -7.26 -18.91
CA GLY A 17 7.79 -7.70 -17.80
C GLY A 17 7.48 -6.58 -16.83
N ILE A 18 7.50 -6.89 -15.55
CA ILE A 18 7.24 -5.89 -14.47
C ILE A 18 8.27 -4.74 -14.53
N GLY A 19 9.54 -5.04 -14.85
CA GLY A 19 10.58 -3.98 -14.88
C GLY A 19 10.21 -2.93 -15.94
N ARG A 20 9.87 -3.40 -17.13
CA ARG A 20 9.49 -2.51 -18.24
C ARG A 20 8.27 -1.72 -17.82
N ALA A 21 7.23 -2.37 -17.32
CA ALA A 21 5.96 -1.68 -17.03
C ALA A 21 6.22 -0.64 -15.92
N THR A 22 7.15 -0.93 -15.02
CA THR A 22 7.50 0.01 -13.91
C THR A 22 8.25 1.22 -14.46
N ALA A 23 9.24 1.00 -15.34
CA ALA A 23 10.00 2.08 -16.00
C ALA A 23 9.02 2.99 -16.73
N VAL A 24 8.08 2.39 -17.47
CA VAL A 24 7.07 3.15 -18.25
C VAL A 24 6.28 4.04 -17.28
N ARG A 25 5.79 3.46 -16.20
CA ARG A 25 4.89 4.21 -15.27
C ARG A 25 5.67 5.28 -14.50
N LEU A 26 6.88 5.02 -14.04
CA LEU A 26 7.69 6.06 -13.35
C LEU A 26 7.93 7.21 -14.34
N ALA A 27 8.24 6.91 -15.60
CA ALA A 27 8.50 7.97 -16.60
C ALA A 27 7.23 8.78 -16.88
N ARG A 28 6.06 8.15 -16.87
CA ARG A 28 4.80 8.90 -17.07
C ARG A 28 4.61 9.91 -15.94
N GLU A 29 5.11 9.61 -14.74
CA GLU A 29 5.01 10.50 -13.56
C GLU A 29 6.12 11.59 -13.59
N GLY A 30 6.95 11.61 -14.61
CA GLY A 30 7.95 12.70 -14.76
C GLY A 30 9.33 12.25 -14.31
N ALA A 31 9.53 11.00 -13.83
CA ALA A 31 10.88 10.52 -13.44
C ALA A 31 11.74 10.34 -14.69
N LEU A 32 13.02 10.69 -14.58
CA LEU A 32 14.04 10.25 -15.54
C LEU A 32 14.42 8.81 -15.14
N VAL A 33 14.24 7.86 -16.03
CA VAL A 33 14.41 6.42 -15.69
C VAL A 33 15.63 5.84 -16.40
N ALA A 34 16.57 5.31 -15.61
CA ALA A 34 17.64 4.44 -16.11
C ALA A 34 17.08 3.03 -16.26
N VAL A 35 17.03 2.57 -17.51
CA VAL A 35 16.47 1.25 -17.91
C VAL A 35 17.66 0.31 -17.96
N HIS A 36 17.91 -0.39 -16.86
CA HIS A 36 19.05 -1.32 -16.77
C HIS A 36 18.73 -2.64 -17.50
N TYR A 37 19.72 -3.23 -18.14
CA TYR A 37 19.61 -4.53 -18.83
C TYR A 37 20.98 -5.19 -18.74
N ALA A 38 20.97 -6.51 -18.89
CA ALA A 38 22.18 -7.37 -18.85
C ALA A 38 22.78 -7.47 -20.25
N SER A 39 22.02 -7.97 -21.21
CA SER A 39 22.48 -8.15 -22.61
C SER A 39 21.38 -7.94 -23.65
N ASN A 40 20.10 -7.99 -23.35
CA ASN A 40 19.12 -7.71 -24.44
C ASN A 40 19.00 -6.19 -24.69
N GLU A 41 19.86 -5.62 -25.53
CA GLU A 41 19.84 -4.16 -25.82
C GLU A 41 18.57 -3.79 -26.62
N ALA A 42 18.10 -4.67 -27.50
CA ALA A 42 16.94 -4.38 -28.36
C ALA A 42 15.72 -4.15 -27.45
N ALA A 43 15.54 -4.98 -26.43
CA ALA A 43 14.38 -4.89 -25.51
C ALA A 43 14.52 -3.63 -24.65
N ALA A 44 15.73 -3.32 -24.21
CA ALA A 44 16.00 -2.07 -23.45
C ALA A 44 15.63 -0.89 -24.33
N ASP A 45 16.07 -0.88 -25.58
CA ASP A 45 15.81 0.23 -26.51
C ASP A 45 14.31 0.35 -26.76
N GLU A 46 13.58 -0.78 -26.80
CA GLU A 46 12.09 -0.78 -26.92
C GLU A 46 11.45 -0.05 -25.74
N THR A 47 11.92 -0.34 -24.54
CA THR A 47 11.41 0.31 -23.31
C THR A 47 11.64 1.82 -23.46
N VAL A 48 12.86 2.22 -23.79
CA VAL A 48 13.22 3.67 -23.91
C VAL A 48 12.38 4.30 -25.00
N ALA A 49 12.22 3.64 -26.14
CA ALA A 49 11.45 4.22 -27.27
C ALA A 49 9.98 4.39 -26.83
N GLN A 50 9.42 3.43 -26.08
CA GLN A 50 8.01 3.52 -25.57
C GLN A 50 7.88 4.74 -24.64
N ILE A 51 8.85 4.91 -23.75
CA ILE A 51 8.85 6.05 -22.82
C ILE A 51 8.89 7.36 -23.60
N GLU A 52 9.76 7.47 -24.61
CA GLU A 52 9.96 8.75 -25.34
C GLU A 52 8.70 9.01 -26.16
N ARG A 53 8.11 7.99 -26.76
CA ARG A 53 6.84 8.15 -27.53
C ARG A 53 5.77 8.69 -26.59
N GLU A 54 5.75 8.31 -25.31
CA GLU A 54 4.73 8.81 -24.37
C GLU A 54 5.13 10.17 -23.79
N GLY A 55 6.24 10.77 -24.20
CA GLY A 55 6.65 12.11 -23.73
C GLY A 55 7.53 12.08 -22.49
N GLY A 56 8.12 10.93 -22.10
CA GLY A 56 8.96 10.90 -20.90
C GLY A 56 10.41 10.77 -21.26
N ARG A 57 11.23 10.56 -20.26
CA ARG A 57 12.69 10.57 -20.42
C ARG A 57 13.28 9.30 -19.83
N ALA A 58 14.18 8.65 -20.55
CA ALA A 58 14.80 7.39 -20.14
C ALA A 58 16.07 7.17 -20.97
N PHE A 59 16.97 6.35 -20.45
CA PHE A 59 18.19 5.91 -21.14
C PHE A 59 18.56 4.53 -20.69
N PRO A 60 19.16 3.75 -21.61
CA PRO A 60 19.56 2.38 -21.30
C PRO A 60 20.87 2.38 -20.52
N VAL A 61 21.04 1.42 -19.61
CA VAL A 61 22.31 1.24 -18.88
C VAL A 61 22.61 -0.26 -18.88
N ARG A 62 23.79 -0.64 -19.35
CA ARG A 62 24.13 -2.07 -19.47
C ARG A 62 25.01 -2.51 -18.30
N ALA A 63 24.65 -3.61 -17.64
CA ALA A 63 25.55 -4.26 -16.66
C ALA A 63 25.08 -5.69 -16.41
N GLU A 64 25.96 -6.66 -16.66
CA GLU A 64 25.73 -8.06 -16.25
C GLU A 64 25.72 -8.04 -14.74
N LEU A 65 24.73 -8.66 -14.14
CA LEU A 65 24.64 -8.72 -12.66
C LEU A 65 25.17 -10.07 -12.18
N GLY A 66 25.61 -10.13 -10.92
CA GLY A 66 26.06 -11.38 -10.31
C GLY A 66 27.49 -11.74 -10.68
N VAL A 67 28.29 -10.76 -11.16
CA VAL A 67 29.67 -10.96 -11.62
C VAL A 67 30.57 -9.86 -11.05
N ALA A 68 31.87 -10.14 -10.91
CA ALA A 68 32.85 -9.16 -10.37
C ALA A 68 32.65 -7.83 -11.13
N GLY A 69 32.58 -6.73 -10.40
CA GLY A 69 32.51 -5.37 -10.96
C GLY A 69 31.11 -4.93 -11.34
N ASP A 70 30.04 -5.73 -11.09
CA ASP A 70 28.66 -5.45 -11.57
C ASP A 70 28.15 -4.11 -10.99
N VAL A 71 28.23 -3.91 -9.69
CA VAL A 71 27.70 -2.67 -9.08
C VAL A 71 28.44 -1.46 -9.66
N HIS A 72 29.78 -1.53 -9.70
CA HIS A 72 30.66 -0.46 -10.23
C HIS A 72 30.29 -0.12 -11.69
N GLU A 73 30.15 -1.14 -12.53
CA GLU A 73 29.81 -0.92 -13.97
C GLU A 73 28.43 -0.26 -14.07
N LEU A 74 27.44 -0.76 -13.33
CA LEU A 74 26.06 -0.22 -13.40
C LEU A 74 26.11 1.25 -12.97
N PHE A 75 26.78 1.55 -11.87
CA PHE A 75 26.81 2.94 -11.36
C PHE A 75 27.63 3.86 -12.27
N LEU A 76 28.64 3.34 -12.98
CA LEU A 76 29.42 4.16 -13.95
C LEU A 76 28.46 4.59 -15.08
N GLY A 77 27.67 3.67 -15.62
CA GLY A 77 26.70 4.01 -16.68
C GLY A 77 25.60 4.93 -16.17
N LEU A 78 25.13 4.66 -14.95
CA LEU A 78 24.00 5.39 -14.34
C LEU A 78 24.48 6.84 -14.11
N GLU A 79 25.61 7.02 -13.43
CA GLU A 79 26.09 8.38 -13.04
C GLU A 79 26.40 9.19 -14.30
N GLN A 80 27.00 8.57 -15.31
CA GLN A 80 27.31 9.30 -16.55
C GLN A 80 25.98 9.76 -17.20
N GLY A 81 25.00 8.87 -17.28
CA GLY A 81 23.70 9.22 -17.89
C GLY A 81 22.92 10.29 -17.13
N LEU A 82 22.88 10.17 -15.81
CA LEU A 82 22.21 11.18 -14.97
C LEU A 82 22.94 12.51 -15.09
N LYS A 83 24.26 12.51 -15.06
CA LYS A 83 25.03 13.76 -15.08
C LYS A 83 24.79 14.47 -16.41
N GLU A 84 24.82 13.74 -17.51
CA GLU A 84 24.54 14.33 -18.83
C GLU A 84 23.17 14.95 -18.87
N ARG A 85 22.18 14.33 -18.26
CA ARG A 85 20.78 14.79 -18.47
C ARG A 85 20.34 15.74 -17.37
N THR A 86 20.95 15.75 -16.18
CA THR A 86 20.41 16.53 -15.04
C THR A 86 21.47 17.39 -14.37
N GLY A 87 22.74 17.24 -14.70
CA GLY A 87 23.80 18.01 -14.04
C GLY A 87 24.17 17.40 -12.67
N GLU A 88 23.55 16.29 -12.26
CA GLU A 88 23.76 15.66 -10.94
C GLU A 88 23.83 14.14 -11.11
N THR A 89 24.24 13.41 -10.06
CA THR A 89 24.20 11.95 -9.99
C THR A 89 23.18 11.46 -8.94
N THR A 90 22.34 12.36 -8.42
CA THR A 90 21.26 12.08 -7.44
C THR A 90 20.40 10.88 -7.89
N LEU A 91 20.19 9.91 -7.02
CA LEU A 91 19.27 8.78 -7.27
C LEU A 91 18.17 8.81 -6.21
N ASP A 92 16.95 9.08 -6.65
CA ASP A 92 15.78 9.25 -5.76
C ASP A 92 15.14 7.89 -5.50
N ILE A 93 15.15 7.02 -6.50
CA ILE A 93 14.33 5.79 -6.50
C ILE A 93 15.19 4.66 -7.07
N LEU A 94 15.30 3.58 -6.29
CA LEU A 94 15.92 2.32 -6.75
C LEU A 94 14.84 1.23 -6.71
N VAL A 95 14.57 0.60 -7.84
CA VAL A 95 13.73 -0.62 -7.91
C VAL A 95 14.64 -1.83 -8.19
N ASN A 96 14.77 -2.72 -7.22
CA ASN A 96 15.47 -4.01 -7.36
C ASN A 96 14.49 -4.98 -8.00
N ASN A 97 14.53 -5.11 -9.30
CA ASN A 97 13.56 -5.92 -10.06
C ASN A 97 14.29 -7.05 -10.77
N ALA A 98 15.53 -6.83 -11.24
CA ALA A 98 16.32 -7.85 -11.99
C ALA A 98 16.38 -9.15 -11.18
N ALA A 99 16.23 -10.28 -11.86
CA ALA A 99 16.31 -11.61 -11.23
C ALA A 99 16.61 -12.67 -12.28
N VAL A 100 17.37 -13.66 -11.88
CA VAL A 100 17.51 -14.98 -12.54
C VAL A 100 16.26 -15.77 -12.18
N THR A 101 15.62 -16.34 -13.18
CA THR A 101 14.36 -17.11 -13.04
C THR A 101 14.50 -18.42 -13.79
N GLY A 102 13.63 -19.38 -13.52
CA GLY A 102 13.39 -20.56 -14.38
C GLY A 102 11.89 -20.82 -14.42
N VAL A 103 11.19 -20.36 -15.46
CA VAL A 103 9.70 -20.47 -15.56
C VAL A 103 9.29 -21.95 -15.42
N ASP A 104 10.06 -22.88 -16.00
CA ASP A 104 9.77 -24.34 -15.91
C ASP A 104 10.25 -24.94 -14.60
N GLY A 105 10.99 -24.19 -13.82
CA GLY A 105 11.36 -24.58 -12.45
C GLY A 105 12.46 -25.61 -12.47
N ILE A 106 13.08 -25.83 -11.31
CA ILE A 106 14.03 -26.95 -11.06
C ILE A 106 13.50 -27.78 -9.89
N LEU A 107 13.25 -29.06 -10.13
CA LEU A 107 12.98 -30.06 -9.05
C LEU A 107 14.09 -29.97 -8.00
N PRO A 108 13.74 -29.88 -6.69
CA PRO A 108 14.76 -29.70 -5.65
C PRO A 108 15.93 -30.73 -5.76
N GLU A 109 15.66 -31.97 -6.15
CA GLU A 109 16.72 -33.01 -6.25
C GLU A 109 17.70 -32.66 -7.38
N ASP A 110 17.39 -31.76 -8.31
CA ASP A 110 18.24 -31.45 -9.49
C ASP A 110 18.95 -30.11 -9.32
N VAL A 111 18.65 -29.32 -8.27
CA VAL A 111 19.30 -28.00 -8.08
C VAL A 111 20.78 -28.24 -7.79
N THR A 112 21.66 -27.51 -8.48
CA THR A 112 23.13 -27.65 -8.33
C THR A 112 23.64 -26.50 -7.46
N ALA A 113 24.81 -26.69 -6.89
CA ALA A 113 25.52 -25.62 -6.14
C ALA A 113 25.66 -24.39 -7.04
N GLU A 114 25.90 -24.61 -8.32
CA GLU A 114 26.21 -23.51 -9.28
C GLU A 114 24.92 -22.74 -9.52
N GLN A 115 23.80 -23.41 -9.70
CA GLN A 115 22.48 -22.73 -9.79
C GLN A 115 22.24 -21.94 -8.50
N LEU A 116 22.48 -22.55 -7.32
CA LEU A 116 22.27 -21.83 -6.04
C LEU A 116 23.15 -20.59 -6.07
N ASP A 117 24.41 -20.72 -6.48
CA ASP A 117 25.31 -19.53 -6.55
C ASP A 117 24.72 -18.46 -7.49
N ARG A 118 24.30 -18.81 -8.72
CA ARG A 118 23.85 -17.82 -9.73
CA ARG A 118 23.85 -17.80 -9.74
C ARG A 118 22.61 -17.10 -9.19
N TYR A 119 21.60 -17.87 -8.73
CA TYR A 119 20.37 -17.29 -8.17
C TYR A 119 20.73 -16.33 -7.04
N TYR A 120 21.61 -16.69 -6.12
CA TYR A 120 21.96 -15.85 -4.94
CA TYR A 120 21.87 -15.80 -4.96
C TYR A 120 22.65 -14.55 -5.40
N ALA A 121 23.63 -14.73 -6.30
CA ALA A 121 24.53 -13.64 -6.75
C ALA A 121 23.68 -12.52 -7.36
N VAL A 122 22.69 -12.86 -8.18
CA VAL A 122 21.82 -11.84 -8.83
C VAL A 122 20.65 -11.37 -7.94
N ASN A 123 19.99 -12.30 -7.23
CA ASN A 123 18.64 -12.02 -6.67
C ASN A 123 18.72 -11.55 -5.22
N ALA A 124 19.80 -11.79 -4.51
CA ALA A 124 19.94 -11.38 -3.09
C ALA A 124 21.20 -10.52 -2.86
N LYS A 125 22.35 -11.03 -3.25
CA LYS A 125 23.62 -10.27 -3.03
C LYS A 125 23.68 -8.98 -3.87
N ALA A 126 23.44 -9.03 -5.17
CA ALA A 126 23.46 -7.80 -5.99
C ALA A 126 22.51 -6.74 -5.40
N PRO A 127 21.24 -7.04 -5.10
CA PRO A 127 20.36 -6.01 -4.51
C PRO A 127 20.93 -5.40 -3.21
N PHE A 128 21.52 -6.22 -2.35
CA PHE A 128 22.10 -5.71 -1.10
C PHE A 128 23.20 -4.69 -1.44
N LEU A 129 24.07 -5.05 -2.36
CA LEU A 129 25.22 -4.19 -2.72
C LEU A 129 24.73 -2.98 -3.54
N LEU A 130 23.66 -3.11 -4.31
CA LEU A 130 23.09 -1.97 -5.07
C LEU A 130 22.47 -0.99 -4.09
N VAL A 131 21.80 -1.50 -3.05
CA VAL A 131 21.24 -0.62 -2.00
C VAL A 131 22.39 0.16 -1.36
N GLN A 132 23.44 -0.54 -0.93
CA GLN A 132 24.61 0.06 -0.24
C GLN A 132 25.19 1.18 -1.11
N ARG A 133 25.31 0.94 -2.39
CA ARG A 133 25.90 1.95 -3.31
C ARG A 133 24.89 3.08 -3.56
N ALA A 134 23.62 2.75 -3.76
CA ALA A 134 22.55 3.72 -4.11
C ALA A 134 22.42 4.79 -3.04
N VAL A 135 22.43 4.40 -1.77
CA VAL A 135 22.16 5.38 -0.69
C VAL A 135 23.25 6.45 -0.64
N ARG A 136 24.43 6.25 -1.24
CA ARG A 136 25.48 7.30 -1.29
C ARG A 136 25.03 8.42 -2.23
N ASN A 137 24.04 8.19 -3.09
CA ASN A 137 23.52 9.19 -4.06
C ASN A 137 22.10 9.60 -3.71
N MET A 138 21.53 9.09 -2.65
CA MET A 138 20.08 9.16 -2.39
C MET A 138 19.78 10.20 -1.31
N PRO A 139 18.94 11.21 -1.58
CA PRO A 139 18.65 12.23 -0.58
C PRO A 139 17.56 11.76 0.36
N ASP A 140 17.34 12.53 1.41
CA ASP A 140 16.24 12.25 2.35
C ASP A 140 14.94 12.23 1.55
N GLY A 141 14.02 11.32 1.86
CA GLY A 141 12.77 11.20 1.07
C GLY A 141 12.93 10.17 -0.04
N GLY A 142 14.07 9.50 -0.13
CA GLY A 142 14.30 8.52 -1.20
C GLY A 142 13.44 7.26 -1.07
N ARG A 143 13.51 6.41 -2.08
CA ARG A 143 12.67 5.18 -2.16
C ARG A 143 13.53 4.01 -2.63
N ILE A 144 13.47 2.93 -1.88
CA ILE A 144 14.01 1.63 -2.34
C ILE A 144 12.86 0.63 -2.38
N ILE A 145 12.66 0.02 -3.53
CA ILE A 145 11.51 -0.93 -3.70
C ILE A 145 12.10 -2.24 -4.18
N ASN A 146 11.89 -3.28 -3.38
CA ASN A 146 12.39 -4.64 -3.67
C ASN A 146 11.23 -5.43 -4.26
N ILE A 147 11.35 -5.87 -5.50
CA ILE A 147 10.32 -6.74 -6.10
C ILE A 147 10.55 -8.14 -5.59
N SER A 148 9.62 -8.67 -4.80
CA SER A 148 9.79 -10.01 -4.23
C SER A 148 8.94 -10.97 -5.06
N SER A 149 8.24 -11.90 -4.42
CA SER A 149 7.39 -12.91 -5.10
C SER A 149 6.44 -13.49 -4.06
N GLY A 150 5.20 -13.77 -4.47
CA GLY A 150 4.26 -14.50 -3.61
C GLY A 150 4.80 -15.88 -3.24
N LEU A 151 5.80 -16.40 -3.98
CA LEU A 151 6.45 -17.69 -3.65
C LEU A 151 7.08 -17.66 -2.25
N THR A 152 7.33 -16.49 -1.63
CA THR A 152 7.90 -16.48 -0.27
C THR A 152 6.83 -16.92 0.72
N ARG A 153 5.60 -17.06 0.27
CA ARG A 153 4.44 -17.36 1.14
C ARG A 153 3.59 -18.48 0.57
N CYS A 154 3.93 -19.05 -0.55
CA CYS A 154 3.12 -20.11 -1.19
CA CYS A 154 3.14 -20.14 -1.16
C CYS A 154 4.09 -21.20 -1.67
N ALA A 155 4.02 -22.39 -1.09
CA ALA A 155 5.00 -23.46 -1.37
C ALA A 155 4.84 -23.95 -2.83
N VAL A 156 5.92 -23.87 -3.57
CA VAL A 156 6.10 -24.46 -4.92
C VAL A 156 7.49 -25.10 -4.98
N PRO A 157 7.62 -26.42 -4.76
CA PRO A 157 8.91 -27.10 -4.72
C PRO A 157 9.84 -26.75 -5.89
N GLU A 158 9.34 -26.74 -7.12
CA GLU A 158 10.18 -26.49 -8.33
C GLU A 158 10.69 -25.05 -8.34
N GLN A 159 10.32 -24.19 -7.40
CA GLN A 159 10.83 -22.80 -7.34
C GLN A 159 11.55 -22.56 -6.01
N VAL A 160 12.10 -23.62 -5.39
CA VAL A 160 12.72 -23.48 -4.04
C VAL A 160 13.95 -22.58 -4.17
N ALA A 161 14.72 -22.74 -5.25
CA ALA A 161 16.00 -21.99 -5.39
C ALA A 161 15.70 -20.50 -5.57
N TYR A 162 14.77 -20.16 -6.44
CA TYR A 162 14.36 -18.75 -6.62
C TYR A 162 13.82 -18.19 -5.30
N SER A 163 12.90 -18.95 -4.67
CA SER A 163 12.21 -18.51 -3.43
C SER A 163 13.24 -18.20 -2.33
N MET A 164 14.26 -19.01 -2.19
CA MET A 164 15.35 -18.74 -1.21
C MET A 164 15.87 -17.33 -1.38
N THR A 165 16.12 -16.92 -2.61
CA THR A 165 16.74 -15.61 -2.87
C THR A 165 15.75 -14.50 -2.51
N LYS A 166 14.45 -14.73 -2.74
CA LYS A 166 13.42 -13.73 -2.41
C LYS A 166 13.25 -13.65 -0.89
N GLY A 167 13.38 -14.77 -0.18
CA GLY A 167 13.39 -14.75 1.31
C GLY A 167 14.51 -13.83 1.78
N ALA A 168 15.67 -13.90 1.13
CA ALA A 168 16.86 -13.11 1.53
C ALA A 168 16.59 -11.65 1.13
N LEU A 169 16.02 -11.43 -0.06
CA LEU A 169 15.65 -10.07 -0.51
C LEU A 169 14.73 -9.39 0.52
N GLU A 170 13.71 -10.09 1.00
CA GLU A 170 12.77 -9.50 1.99
C GLU A 170 13.46 -9.07 3.28
N GLN A 171 14.51 -9.77 3.67
CA GLN A 171 15.29 -9.36 4.88
C GLN A 171 15.99 -8.03 4.63
N ILE A 172 16.39 -7.76 3.40
CA ILE A 172 16.96 -6.41 3.07
C ILE A 172 15.88 -5.39 3.39
N THR A 173 14.64 -5.65 2.97
CA THR A 173 13.52 -4.73 3.24
C THR A 173 13.40 -4.47 4.75
N LEU A 174 13.27 -5.52 5.55
CA LEU A 174 13.01 -5.35 7.01
C LEU A 174 14.16 -4.54 7.65
N HIS A 175 15.40 -4.97 7.48
CA HIS A 175 16.54 -4.45 8.28
C HIS A 175 16.97 -3.08 7.73
N MET A 176 16.99 -2.90 6.43
CA MET A 176 17.38 -1.61 5.85
C MET A 176 16.26 -0.58 6.06
N ALA A 177 14.99 -0.96 6.23
CA ALA A 177 13.92 0.05 6.49
C ALA A 177 14.22 0.73 7.83
N LYS A 178 14.60 -0.07 8.82
CA LYS A 178 14.92 0.43 10.16
C LYS A 178 16.15 1.31 10.05
N HIS A 179 17.13 0.87 9.30
CA HIS A 179 18.44 1.56 9.21
C HIS A 179 18.24 2.91 8.55
N LEU A 180 17.40 3.01 7.52
CA LEU A 180 17.35 4.20 6.66
C LEU A 180 16.21 5.13 7.10
N ALA A 181 15.39 4.73 8.07
CA ALA A 181 14.28 5.57 8.61
C ALA A 181 14.77 6.95 9.03
N PRO A 182 15.89 7.14 9.75
CA PRO A 182 16.32 8.48 10.15
C PRO A 182 16.59 9.39 8.94
N ARG A 183 16.94 8.82 7.76
CA ARG A 183 17.10 9.66 6.54
CA ARG A 183 17.11 9.64 6.52
C ARG A 183 15.77 9.82 5.79
N GLY A 184 14.67 9.30 6.30
CA GLY A 184 13.38 9.36 5.57
C GLY A 184 13.41 8.62 4.22
N ILE A 185 14.31 7.63 4.08
CA ILE A 185 14.32 6.71 2.92
C ILE A 185 13.51 5.48 3.33
N THR A 186 12.47 5.16 2.56
CA THR A 186 11.65 3.98 2.84
C THR A 186 12.22 2.81 2.05
N VAL A 187 12.03 1.62 2.60
CA VAL A 187 12.38 0.35 1.92
C VAL A 187 11.18 -0.59 2.02
N ASN A 188 10.69 -1.10 0.89
CA ASN A 188 9.45 -1.90 0.87
C ASN A 188 9.64 -3.09 -0.09
N SER A 189 8.94 -4.17 0.19
CA SER A 189 8.85 -5.32 -0.73
C SER A 189 7.50 -5.23 -1.44
N VAL A 190 7.46 -5.40 -2.73
CA VAL A 190 6.22 -5.59 -3.52
C VAL A 190 6.25 -7.01 -4.07
N ALA A 191 5.21 -7.79 -3.81
CA ALA A 191 5.15 -9.23 -4.14
C ALA A 191 4.12 -9.41 -5.23
N PRO A 192 4.51 -9.68 -6.49
CA PRO A 192 3.55 -10.13 -7.48
C PRO A 192 3.09 -11.56 -7.23
N GLY A 193 2.06 -12.01 -7.94
CA GLY A 193 1.59 -13.39 -7.91
C GLY A 193 2.58 -14.31 -8.61
N ILE A 194 2.31 -15.59 -8.68
CA ILE A 194 3.32 -16.61 -9.11
C ILE A 194 3.81 -16.33 -10.53
N ARG A 219 -9.08 -14.47 -14.33
CA ARG A 219 -8.86 -13.00 -14.47
C ARG A 219 -7.47 -12.73 -15.12
N VAL A 220 -7.43 -12.06 -16.26
CA VAL A 220 -6.17 -11.76 -16.96
C VAL A 220 -5.59 -10.47 -16.39
N GLY A 221 -4.34 -10.56 -16.00
CA GLY A 221 -3.59 -9.42 -15.48
C GLY A 221 -2.59 -8.91 -16.52
N GLU A 222 -1.92 -7.83 -16.18
CA GLU A 222 -0.75 -7.40 -16.95
C GLU A 222 0.35 -6.92 -15.97
N ALA A 223 1.59 -6.83 -16.48
CA ALA A 223 2.74 -6.35 -15.73
C ALA A 223 2.38 -4.96 -15.10
N GLY A 224 1.56 -4.17 -15.82
CA GLY A 224 1.11 -2.81 -15.39
C GLY A 224 0.36 -2.81 -14.03
N ASP A 225 -0.37 -3.89 -13.73
CA ASP A 225 -1.08 -4.04 -12.46
C ASP A 225 -0.12 -4.00 -11.28
N VAL A 226 1.02 -4.64 -11.38
CA VAL A 226 2.01 -4.63 -10.31
C VAL A 226 2.74 -3.29 -10.41
N ALA A 227 3.03 -2.84 -11.62
CA ALA A 227 3.86 -1.64 -11.78
C ALA A 227 3.14 -0.39 -11.20
N ASP A 228 1.81 -0.35 -11.25
CA ASP A 228 1.00 0.73 -10.64
C ASP A 228 1.25 0.74 -9.12
N VAL A 229 1.46 -0.43 -8.52
CA VAL A 229 1.73 -0.48 -7.06
C VAL A 229 3.14 0.05 -6.81
N VAL A 230 4.07 -0.37 -7.60
CA VAL A 230 5.48 0.10 -7.41
C VAL A 230 5.51 1.63 -7.59
N THR A 231 4.77 2.13 -8.57
CA THR A 231 4.73 3.57 -8.88
C THR A 231 4.20 4.30 -7.65
N PHE A 232 3.09 3.86 -7.06
CA PHE A 232 2.55 4.49 -5.85
C PHE A 232 3.65 4.55 -4.77
N ILE A 233 4.32 3.42 -4.53
CA ILE A 233 5.32 3.34 -3.43
C ILE A 233 6.46 4.34 -3.73
N ALA A 234 6.83 4.56 -5.00
CA ALA A 234 7.89 5.53 -5.39
C ALA A 234 7.46 6.99 -5.09
N THR A 235 6.18 7.28 -4.86
CA THR A 235 5.69 8.68 -4.66
C THR A 235 5.75 9.12 -3.20
N ASP A 236 5.55 10.41 -2.98
CA ASP A 236 5.58 11.05 -1.64
C ASP A 236 4.47 10.46 -0.74
N GLU A 237 3.33 10.07 -1.32
CA GLU A 237 2.13 9.68 -0.54
C GLU A 237 2.27 8.33 0.15
N SER A 238 3.34 7.60 -0.12
CA SER A 238 3.67 6.32 0.54
C SER A 238 4.62 6.53 1.73
N ARG A 239 4.89 7.76 2.14
CA ARG A 239 5.94 8.08 3.16
C ARG A 239 5.73 7.31 4.45
N TRP A 240 4.52 6.96 4.84
CA TRP A 240 4.25 6.27 6.13
C TRP A 240 4.27 4.75 5.98
N ILE A 241 4.62 4.24 4.80
CA ILE A 241 4.83 2.79 4.54
C ILE A 241 6.35 2.54 4.43
N THR A 242 6.92 1.74 5.34
CA THR A 242 8.35 1.33 5.26
C THR A 242 8.49 -0.04 5.95
N GLY A 243 9.40 -0.85 5.42
CA GLY A 243 9.67 -2.18 5.97
C GLY A 243 8.50 -3.11 5.73
N ALA A 244 7.63 -2.81 4.76
CA ALA A 244 6.36 -3.54 4.57
C ALA A 244 6.45 -4.59 3.49
N PHE A 245 5.57 -5.57 3.58
CA PHE A 245 5.33 -6.57 2.50
C PHE A 245 4.03 -6.16 1.82
N ILE A 246 4.10 -5.63 0.60
CA ILE A 246 2.92 -5.17 -0.16
C ILE A 246 2.48 -6.30 -1.11
N ASP A 247 1.32 -6.90 -0.81
CA ASP A 247 0.77 -8.02 -1.60
C ASP A 247 0.14 -7.43 -2.87
N ALA A 248 0.84 -7.51 -4.01
CA ALA A 248 0.28 -7.15 -5.32
C ALA A 248 0.07 -8.41 -6.17
N SER A 249 -0.61 -9.42 -5.64
CA SER A 249 -0.74 -10.78 -6.26
C SER A 249 -2.07 -10.92 -6.97
N GLY A 250 -2.85 -9.84 -7.05
CA GLY A 250 -4.20 -9.92 -7.60
C GLY A 250 -5.07 -10.86 -6.77
N GLY A 251 -4.84 -10.93 -5.47
CA GLY A 251 -5.60 -11.84 -4.60
C GLY A 251 -5.16 -13.30 -4.74
N THR A 252 -4.10 -13.64 -5.49
CA THR A 252 -3.68 -15.07 -5.67
C THR A 252 -3.06 -15.61 -4.37
N LEU A 253 -2.63 -14.79 -3.41
CA LEU A 253 -2.07 -15.24 -2.12
C LEU A 253 -3.19 -15.61 -1.12
N LEU A 254 -4.47 -15.50 -1.49
CA LEU A 254 -5.63 -15.49 -0.54
C LEU A 254 -5.91 -16.93 -0.08
N GLY A 255 -5.80 -17.83 -1.04
CA GLY A 255 -6.28 -19.21 -0.90
C GLY A 255 -7.72 -19.24 -1.34
N MET B 1 -4.58 16.02 -8.50
CA MET B 1 -5.10 14.73 -9.18
C MET B 1 -6.61 14.59 -9.00
N SER B 2 -7.29 14.00 -10.00
CA SER B 2 -8.77 13.72 -9.98
C SER B 2 -9.09 12.27 -10.34
N ARG B 3 -8.57 11.40 -9.49
CA ARG B 3 -8.66 9.95 -9.66
C ARG B 3 -10.07 9.47 -9.30
N LEU B 4 -10.93 10.23 -8.62
CA LEU B 4 -12.20 9.68 -8.08
C LEU B 4 -13.39 10.52 -8.53
N THR B 5 -13.26 11.24 -9.62
CA THR B 5 -14.37 11.98 -10.26
C THR B 5 -15.56 11.04 -10.50
N GLY B 6 -16.72 11.45 -10.05
CA GLY B 6 -17.99 10.71 -10.21
C GLY B 6 -18.13 9.55 -9.25
N LYS B 7 -17.25 9.36 -8.30
CA LYS B 7 -17.33 8.25 -7.32
C LYS B 7 -18.00 8.80 -6.06
N ASN B 8 -18.75 7.95 -5.36
CA ASN B 8 -19.42 8.20 -4.06
C ASN B 8 -18.71 7.39 -3.01
N ALA B 9 -18.37 8.02 -1.90
CA ALA B 9 -17.61 7.39 -0.79
C ALA B 9 -18.35 7.63 0.51
N LEU B 10 -18.31 6.65 1.41
CA LEU B 10 -18.75 6.80 2.82
C LEU B 10 -17.51 6.56 3.68
N VAL B 11 -17.19 7.49 4.56
CA VAL B 11 -16.14 7.30 5.58
C VAL B 11 -16.84 7.35 6.93
N THR B 12 -16.87 6.23 7.63
CA THR B 12 -17.41 6.20 9.00
C THR B 12 -16.44 6.92 9.94
N GLY B 13 -17.02 7.59 10.94
CA GLY B 13 -16.24 8.32 11.96
C GLY B 13 -15.32 9.35 11.33
N SER B 14 -15.83 10.18 10.39
CA SER B 14 -14.99 11.16 9.69
C SER B 14 -15.11 12.57 10.30
N SER B 15 -15.55 12.69 11.54
CA SER B 15 -15.66 14.00 12.23
C SER B 15 -14.28 14.47 12.71
N ARG B 16 -13.29 13.58 12.74
CA ARG B 16 -11.94 13.93 13.23
C ARG B 16 -10.94 12.85 12.78
N GLY B 17 -9.65 13.12 12.99
CA GLY B 17 -8.54 12.18 12.95
C GLY B 17 -8.39 11.64 11.55
N ILE B 18 -8.13 10.35 11.46
CA ILE B 18 -7.84 9.65 10.18
C ILE B 18 -9.12 9.75 9.32
N GLY B 19 -10.29 9.68 9.94
CA GLY B 19 -11.54 9.68 9.18
C GLY B 19 -11.71 11.02 8.49
N ARG B 20 -11.53 12.12 9.22
CA ARG B 20 -11.64 13.46 8.60
C ARG B 20 -10.60 13.58 7.49
N ALA B 21 -9.35 13.22 7.74
CA ALA B 21 -8.25 13.40 6.79
C ALA B 21 -8.57 12.57 5.55
N THR B 22 -9.23 11.41 5.71
CA THR B 22 -9.53 10.51 4.57
C THR B 22 -10.68 11.15 3.76
N ALA B 23 -11.73 11.61 4.45
CA ALA B 23 -12.86 12.34 3.79
C ALA B 23 -12.33 13.52 2.97
N VAL B 24 -11.42 14.30 3.55
CA VAL B 24 -10.81 15.48 2.89
C VAL B 24 -10.09 15.00 1.63
N ARG B 25 -9.26 13.97 1.74
CA ARG B 25 -8.43 13.54 0.60
C ARG B 25 -9.28 12.88 -0.48
N LEU B 26 -10.30 12.10 -0.15
CA LEU B 26 -11.20 11.52 -1.20
C LEU B 26 -11.91 12.65 -1.92
N ALA B 27 -12.33 13.69 -1.23
CA ALA B 27 -13.07 14.81 -1.84
C ALA B 27 -12.12 15.58 -2.77
N ARG B 28 -10.85 15.71 -2.38
CA ARG B 28 -9.89 16.43 -3.24
C ARG B 28 -9.72 15.66 -4.54
N GLU B 29 -9.84 14.32 -4.54
CA GLU B 29 -9.75 13.47 -5.74
C GLU B 29 -11.07 13.48 -6.54
N GLY B 30 -12.07 14.23 -6.13
CA GLY B 30 -13.31 14.36 -6.94
C GLY B 30 -14.44 13.49 -6.40
N ALA B 31 -14.26 12.71 -5.32
CA ALA B 31 -15.35 11.87 -4.76
C ALA B 31 -16.39 12.76 -4.05
N LEU B 32 -17.66 12.40 -4.19
CA LEU B 32 -18.72 12.88 -3.28
C LEU B 32 -18.63 12.09 -1.98
N VAL B 33 -18.37 12.76 -0.86
CA VAL B 33 -18.07 12.05 0.42
C VAL B 33 -19.22 12.19 1.42
N ALA B 34 -19.73 11.06 1.89
CA ALA B 34 -20.62 11.02 3.06
C ALA B 34 -19.73 10.98 4.30
N VAL B 35 -19.89 12.01 5.15
CA VAL B 35 -19.08 12.25 6.37
C VAL B 35 -19.95 11.75 7.53
N HIS B 36 -19.75 10.51 7.93
CA HIS B 36 -20.58 9.85 8.95
C HIS B 36 -20.11 10.26 10.35
N TYR B 37 -21.05 10.40 11.27
CA TYR B 37 -20.76 10.72 12.69
C TYR B 37 -21.85 10.05 13.53
N ALA B 38 -21.53 9.74 14.78
CA ALA B 38 -22.45 9.18 15.78
C ALA B 38 -23.19 10.31 16.46
N SER B 39 -22.46 11.24 17.10
CA SER B 39 -23.09 12.37 17.81
C SER B 39 -22.33 13.69 17.66
N ASN B 40 -21.06 13.74 17.29
CA ASN B 40 -20.42 15.08 17.22
C ASN B 40 -20.79 15.78 15.91
N GLU B 41 -21.95 16.44 15.83
CA GLU B 41 -22.43 17.04 14.57
C GLU B 41 -21.53 18.21 14.15
N ALA B 42 -21.06 19.00 15.12
CA ALA B 42 -20.29 20.23 14.87
C ALA B 42 -18.99 19.84 14.14
N ALA B 43 -18.33 18.79 14.61
CA ALA B 43 -17.06 18.31 14.03
C ALA B 43 -17.33 17.73 12.63
N ALA B 44 -18.42 16.99 12.46
CA ALA B 44 -18.80 16.45 11.12
C ALA B 44 -19.02 17.63 10.19
N ASP B 45 -19.74 18.66 10.64
CA ASP B 45 -20.04 19.84 9.81
C ASP B 45 -18.72 20.56 9.43
N GLU B 46 -17.71 20.58 10.31
CA GLU B 46 -16.39 21.20 10.04
C GLU B 46 -15.60 20.35 9.01
N THR B 47 -15.75 19.02 9.04
CA THR B 47 -15.15 18.19 7.97
C THR B 47 -15.75 18.63 6.62
N VAL B 48 -17.07 18.69 6.57
CA VAL B 48 -17.81 19.06 5.33
C VAL B 48 -17.46 20.48 4.91
N ALA B 49 -17.38 21.43 5.85
CA ALA B 49 -17.06 22.83 5.52
C ALA B 49 -15.64 22.90 4.94
N GLN B 50 -14.68 22.13 5.49
CA GLN B 50 -13.30 22.09 4.91
C GLN B 50 -13.36 21.57 3.46
N ILE B 51 -14.09 20.49 3.24
CA ILE B 51 -14.21 19.91 1.88
C ILE B 51 -14.77 20.98 0.91
N GLU B 52 -15.84 21.67 1.30
CA GLU B 52 -16.51 22.68 0.44
C GLU B 52 -15.53 23.85 0.19
N ARG B 53 -14.81 24.32 1.19
CA ARG B 53 -13.82 25.40 0.99
C ARG B 53 -12.80 24.95 -0.05
N GLU B 54 -12.39 23.68 -0.04
CA GLU B 54 -11.35 23.19 -0.96
C GLU B 54 -11.96 22.88 -2.33
N GLY B 55 -13.25 23.12 -2.54
CA GLY B 55 -13.85 22.98 -3.87
C GLY B 55 -14.48 21.61 -4.10
N GLY B 56 -14.71 20.80 -3.08
CA GLY B 56 -15.26 19.45 -3.29
C GLY B 56 -16.66 19.36 -2.76
N ARG B 57 -17.20 18.16 -2.65
CA ARG B 57 -18.62 17.95 -2.30
C ARG B 57 -18.71 16.89 -1.22
N ALA B 58 -19.52 17.14 -0.21
CA ALA B 58 -19.67 16.26 0.96
C ALA B 58 -20.96 16.61 1.67
N PHE B 59 -21.47 15.69 2.47
CA PHE B 59 -22.66 15.90 3.32
C PHE B 59 -22.54 15.01 4.56
N PRO B 60 -23.08 15.50 5.71
CA PRO B 60 -23.02 14.78 6.96
C PRO B 60 -24.10 13.68 7.00
N VAL B 61 -23.81 12.56 7.66
CA VAL B 61 -24.79 11.47 7.86
C VAL B 61 -24.65 11.00 9.29
N ARG B 62 -25.73 10.95 10.04
CA ARG B 62 -25.69 10.60 11.48
C ARG B 62 -26.13 9.15 11.67
N ALA B 63 -25.38 8.35 12.40
CA ALA B 63 -25.88 7.06 12.93
C ALA B 63 -24.98 6.59 14.06
N GLU B 64 -25.54 6.37 15.23
CA GLU B 64 -24.83 5.69 16.34
C GLU B 64 -24.52 4.28 15.84
N LEU B 65 -23.31 3.84 15.99
CA LEU B 65 -22.91 2.50 15.52
C LEU B 65 -22.91 1.53 16.69
N GLY B 66 -23.04 0.24 16.40
CA GLY B 66 -23.00 -0.79 17.46
C GLY B 66 -24.32 -0.89 18.22
N VAL B 67 -25.44 -0.47 17.60
CA VAL B 67 -26.82 -0.70 18.14
C VAL B 67 -27.73 -1.26 17.04
N ALA B 68 -28.79 -1.96 17.43
CA ALA B 68 -29.81 -2.45 16.48
C ALA B 68 -30.27 -1.23 15.67
N GLY B 69 -30.45 -1.40 14.35
CA GLY B 69 -30.94 -0.34 13.48
C GLY B 69 -29.82 0.54 12.89
N ASP B 70 -28.55 0.42 13.31
CA ASP B 70 -27.45 1.36 12.94
C ASP B 70 -27.24 1.38 11.41
N VAL B 71 -27.12 0.23 10.79
CA VAL B 71 -26.87 0.11 9.33
C VAL B 71 -28.04 0.72 8.58
N HIS B 72 -29.27 0.39 8.98
CA HIS B 72 -30.51 0.91 8.29
C HIS B 72 -30.54 2.44 8.41
N GLU B 73 -30.30 3.01 9.59
CA GLU B 73 -30.33 4.49 9.77
C GLU B 73 -29.25 5.13 8.88
N LEU B 74 -28.05 4.59 8.89
CA LEU B 74 -26.92 5.17 8.12
C LEU B 74 -27.27 5.11 6.65
N PHE B 75 -27.77 3.99 6.17
CA PHE B 75 -28.06 3.86 4.73
C PHE B 75 -29.25 4.73 4.30
N LEU B 76 -30.22 4.97 5.17
CA LEU B 76 -31.32 5.91 4.83
C LEU B 76 -30.72 7.30 4.55
N GLY B 77 -29.85 7.78 5.44
CA GLY B 77 -29.23 9.11 5.29
C GLY B 77 -28.30 9.15 4.07
N LEU B 78 -27.54 8.07 3.87
CA LEU B 78 -26.56 7.98 2.74
C LEU B 78 -27.33 8.04 1.42
N GLU B 79 -28.34 7.19 1.25
CA GLU B 79 -29.01 7.07 -0.05
C GLU B 79 -29.78 8.36 -0.32
N GLN B 80 -30.38 8.96 0.70
CA GLN B 80 -31.10 10.23 0.46
C GLN B 80 -30.10 11.29 -0.05
N GLY B 81 -28.94 11.39 0.58
CA GLY B 81 -27.94 12.42 0.21
C GLY B 81 -27.36 12.19 -1.16
N LEU B 82 -27.02 10.94 -1.47
CA LEU B 82 -26.48 10.59 -2.80
C LEU B 82 -27.53 10.87 -3.86
N LYS B 83 -28.77 10.47 -3.60
CA LYS B 83 -29.80 10.57 -4.64
C LYS B 83 -30.08 12.06 -4.92
N GLU B 84 -30.16 12.88 -3.88
CA GLU B 84 -30.42 14.35 -4.02
C GLU B 84 -29.40 14.94 -4.96
N ARG B 85 -28.11 14.57 -4.79
CA ARG B 85 -26.98 15.22 -5.49
C ARG B 85 -26.75 14.58 -6.86
N THR B 86 -26.98 13.27 -7.02
CA THR B 86 -26.55 12.54 -8.23
C THR B 86 -27.69 11.80 -8.93
N GLY B 87 -28.87 11.65 -8.34
CA GLY B 87 -29.89 10.78 -8.93
C GLY B 87 -29.68 9.28 -8.65
N GLU B 88 -28.57 8.85 -8.08
CA GLU B 88 -28.22 7.42 -7.90
C GLU B 88 -27.97 7.16 -6.41
N THR B 89 -27.89 5.89 -6.00
CA THR B 89 -27.52 5.47 -4.63
C THR B 89 -26.24 4.65 -4.62
N THR B 90 -25.55 4.59 -5.77
CA THR B 90 -24.26 3.92 -6.00
C THR B 90 -23.24 4.30 -4.93
N LEU B 91 -22.64 3.30 -4.30
CA LEU B 91 -21.52 3.52 -3.36
C LEU B 91 -20.29 2.80 -3.92
N ASP B 92 -19.25 3.56 -4.25
CA ASP B 92 -18.03 3.08 -4.88
C ASP B 92 -17.05 2.70 -3.77
N ILE B 93 -17.06 3.43 -2.67
CA ILE B 93 -15.97 3.35 -1.66
C ILE B 93 -16.59 3.34 -0.26
N LEU B 94 -16.23 2.33 0.55
CA LEU B 94 -16.59 2.29 1.97
C LEU B 94 -15.29 2.25 2.77
N VAL B 95 -15.09 3.22 3.64
CA VAL B 95 -13.99 3.18 4.65
C VAL B 95 -14.62 2.93 6.01
N ASN B 96 -14.28 1.80 6.61
CA ASN B 96 -14.71 1.40 7.96
C ASN B 96 -13.64 1.96 8.85
N ASN B 97 -13.88 3.20 9.32
CA ASN B 97 -12.91 3.93 10.14
C ASN B 97 -13.47 4.13 11.55
N ALA B 98 -14.79 4.25 11.74
CA ALA B 98 -15.38 4.51 13.07
C ALA B 98 -14.96 3.38 14.02
N ALA B 99 -14.64 3.74 15.27
CA ALA B 99 -14.23 2.74 16.27
C ALA B 99 -14.41 3.28 17.68
N VAL B 100 -14.68 2.36 18.62
CA VAL B 100 -14.53 2.63 20.05
C VAL B 100 -13.08 2.33 20.37
N THR B 101 -12.35 3.20 21.02
CA THR B 101 -10.91 2.94 21.23
C THR B 101 -10.55 2.84 22.71
N GLY B 102 -9.46 2.12 23.00
CA GLY B 102 -8.87 2.08 24.35
C GLY B 102 -8.11 3.37 24.66
N VAL B 103 -8.78 4.54 24.79
CA VAL B 103 -8.10 5.85 25.04
C VAL B 103 -7.29 5.71 26.34
N ASP B 104 -7.87 5.06 27.34
CA ASP B 104 -7.17 4.61 28.58
C ASP B 104 -6.79 3.14 28.40
N GLY B 105 -5.65 2.72 28.90
CA GLY B 105 -5.43 1.28 29.09
C GLY B 105 -6.48 0.72 30.05
N ILE B 106 -6.98 -0.50 29.80
CA ILE B 106 -7.64 -1.37 30.81
C ILE B 106 -6.73 -2.60 31.02
N LEU B 107 -6.25 -2.72 32.25
CA LEU B 107 -5.56 -3.95 32.75
C LEU B 107 -6.45 -5.15 32.45
N PRO B 108 -5.90 -6.23 31.86
CA PRO B 108 -6.73 -7.37 31.46
C PRO B 108 -7.62 -7.91 32.60
N GLU B 109 -7.16 -7.87 33.84
CA GLU B 109 -7.96 -8.41 34.97
C GLU B 109 -9.18 -7.50 35.23
N ASP B 110 -9.24 -6.29 34.68
CA ASP B 110 -10.35 -5.31 34.92
C ASP B 110 -11.31 -5.24 33.73
N VAL B 111 -11.03 -5.92 32.60
CA VAL B 111 -11.91 -5.87 31.41
C VAL B 111 -13.24 -6.55 31.77
N THR B 112 -14.34 -5.92 31.40
CA THR B 112 -15.72 -6.39 31.66
C THR B 112 -16.36 -6.94 30.38
N ALA B 113 -17.38 -7.76 30.55
CA ALA B 113 -18.19 -8.33 29.48
C ALA B 113 -18.76 -7.16 28.67
N GLU B 114 -19.11 -6.08 29.38
CA GLU B 114 -19.81 -4.93 28.76
C GLU B 114 -18.81 -4.22 27.84
N GLN B 115 -17.59 -3.99 28.29
CA GLN B 115 -16.52 -3.44 27.43
C GLN B 115 -16.30 -4.35 26.21
N LEU B 116 -16.14 -5.65 26.40
CA LEU B 116 -15.93 -6.58 25.28
C LEU B 116 -17.11 -6.41 24.34
N ASP B 117 -18.36 -6.39 24.84
CA ASP B 117 -19.52 -6.22 23.96
C ASP B 117 -19.41 -4.89 23.18
N ARG B 118 -19.11 -3.75 23.80
CA ARG B 118 -19.17 -2.43 23.13
CA ARG B 118 -19.20 -2.42 23.10
C ARG B 118 -18.10 -2.40 22.04
N TYR B 119 -16.88 -2.80 22.39
CA TYR B 119 -15.76 -2.86 21.40
C TYR B 119 -16.18 -3.70 20.20
N TYR B 120 -16.79 -4.86 20.42
CA TYR B 120 -17.10 -5.76 19.28
CA TYR B 120 -17.15 -5.81 19.32
C TYR B 120 -18.26 -5.19 18.47
N ALA B 121 -19.27 -4.64 19.13
CA ALA B 121 -20.52 -4.13 18.48
C ALA B 121 -20.11 -3.09 17.43
N VAL B 122 -19.19 -2.19 17.79
CA VAL B 122 -18.76 -1.09 16.90
C VAL B 122 -17.65 -1.52 15.95
N ASN B 123 -16.62 -2.23 16.43
CA ASN B 123 -15.34 -2.35 15.71
C ASN B 123 -15.32 -3.58 14.82
N ALA B 124 -16.23 -4.53 15.03
CA ALA B 124 -16.19 -5.80 14.25
C ALA B 124 -17.56 -6.08 13.65
N LYS B 125 -18.60 -6.15 14.48
CA LYS B 125 -19.94 -6.48 13.98
C LYS B 125 -20.47 -5.36 13.04
N ALA B 126 -20.43 -4.10 13.45
CA ALA B 126 -20.96 -3.03 12.58
C ALA B 126 -20.25 -3.06 11.21
N PRO B 127 -18.91 -3.08 11.14
CA PRO B 127 -18.22 -3.15 9.83
C PRO B 127 -18.65 -4.34 8.97
N PHE B 128 -18.88 -5.50 9.59
CA PHE B 128 -19.31 -6.69 8.82
C PHE B 128 -20.65 -6.36 8.17
N LEU B 129 -21.58 -5.86 8.96
CA LEU B 129 -22.98 -5.61 8.48
C LEU B 129 -22.97 -4.39 7.52
N LEU B 130 -22.06 -3.43 7.72
CA LEU B 130 -21.95 -2.29 6.77
C LEU B 130 -21.43 -2.77 5.41
N VAL B 131 -20.47 -3.66 5.44
CA VAL B 131 -19.95 -4.29 4.18
C VAL B 131 -21.12 -5.01 3.47
N GLN B 132 -21.89 -5.82 4.21
CA GLN B 132 -22.97 -6.66 3.65
C GLN B 132 -23.98 -5.72 2.98
N ARG B 133 -24.32 -4.62 3.63
CA ARG B 133 -25.33 -3.68 3.06
C ARG B 133 -24.70 -2.90 1.90
N ALA B 134 -23.45 -2.45 2.04
CA ALA B 134 -22.77 -1.58 1.05
C ALA B 134 -22.67 -2.28 -0.31
N VAL B 135 -22.36 -3.57 -0.33
CA VAL B 135 -22.10 -4.24 -1.62
C VAL B 135 -23.39 -4.31 -2.44
N ARG B 136 -24.56 -4.13 -1.84
CA ARG B 136 -25.84 -4.10 -2.61
C ARG B 136 -25.87 -2.85 -3.50
N ASN B 137 -25.00 -1.85 -3.25
CA ASN B 137 -24.99 -0.54 -3.94
C ASN B 137 -23.66 -0.36 -4.64
N MET B 138 -22.79 -1.36 -4.63
CA MET B 138 -21.38 -1.15 -5.04
C MET B 138 -21.12 -1.86 -6.38
N PRO B 139 -20.73 -1.14 -7.45
CA PRO B 139 -20.42 -1.78 -8.73
C PRO B 139 -19.00 -2.36 -8.79
N ASP B 140 -18.70 -3.08 -9.85
CA ASP B 140 -17.34 -3.47 -10.27
C ASP B 140 -16.36 -2.29 -10.11
N GLY B 141 -15.20 -2.53 -9.51
CA GLY B 141 -14.26 -1.45 -9.24
C GLY B 141 -14.45 -0.88 -7.87
N GLY B 142 -15.36 -1.42 -7.06
CA GLY B 142 -15.57 -0.85 -5.73
C GLY B 142 -14.39 -1.10 -4.81
N ARG B 143 -14.37 -0.39 -3.70
CA ARG B 143 -13.28 -0.44 -2.73
C ARG B 143 -13.89 -0.49 -1.34
N ILE B 144 -13.40 -1.43 -0.54
CA ILE B 144 -13.75 -1.50 0.88
C ILE B 144 -12.45 -1.46 1.64
N ILE B 145 -12.31 -0.47 2.53
CA ILE B 145 -11.05 -0.28 3.27
C ILE B 145 -11.38 -0.32 4.76
N ASN B 146 -10.78 -1.29 5.46
CA ASN B 146 -10.94 -1.51 6.91
C ASN B 146 -9.75 -0.84 7.59
N ILE B 147 -9.98 0.17 8.42
CA ILE B 147 -8.89 0.78 9.21
C ILE B 147 -8.61 -0.13 10.41
N SER B 148 -7.47 -0.80 10.44
CA SER B 148 -7.17 -1.73 11.54
C SER B 148 -6.28 -1.01 12.55
N SER B 149 -5.31 -1.69 13.12
CA SER B 149 -4.38 -1.14 14.13
C SER B 149 -3.11 -1.97 14.15
N GLY B 150 -1.95 -1.31 14.27
CA GLY B 150 -0.70 -2.04 14.52
C GLY B 150 -0.80 -2.91 15.79
N LEU B 151 -1.74 -2.64 16.71
CA LEU B 151 -1.88 -3.49 17.93
C LEU B 151 -2.22 -4.95 17.59
N THR B 152 -2.66 -5.27 16.38
CA THR B 152 -2.90 -6.69 16.01
C THR B 152 -1.59 -7.42 15.82
N ARG B 153 -0.47 -6.68 15.80
CA ARG B 153 0.88 -7.26 15.63
C ARG B 153 1.83 -6.83 16.75
N CYS B 154 1.40 -6.10 17.76
CA CYS B 154 2.29 -5.59 18.82
CA CYS B 154 2.29 -5.54 18.82
C CYS B 154 1.61 -5.75 20.18
N ALA B 155 2.14 -6.67 20.98
CA ALA B 155 1.57 -7.07 22.28
C ALA B 155 1.54 -5.89 23.24
N VAL B 156 0.34 -5.47 23.61
CA VAL B 156 0.05 -4.41 24.62
C VAL B 156 -1.11 -4.91 25.47
N PRO B 157 -0.84 -5.53 26.64
CA PRO B 157 -1.90 -6.10 27.48
C PRO B 157 -3.07 -5.17 27.75
N GLU B 158 -2.80 -3.90 28.05
CA GLU B 158 -3.84 -2.90 28.39
C GLU B 158 -4.75 -2.62 27.16
N GLN B 159 -4.49 -3.19 25.98
CA GLN B 159 -5.32 -2.92 24.76
C GLN B 159 -5.91 -4.23 24.25
N VAL B 160 -5.96 -5.28 25.07
CA VAL B 160 -6.33 -6.63 24.55
C VAL B 160 -7.78 -6.61 24.02
N ALA B 161 -8.70 -5.94 24.68
CA ALA B 161 -10.12 -5.97 24.28
C ALA B 161 -10.29 -5.25 22.92
N TYR B 162 -9.69 -4.07 22.77
CA TYR B 162 -9.72 -3.33 21.50
C TYR B 162 -9.07 -4.16 20.39
N SER B 163 -7.88 -4.69 20.71
CA SER B 163 -7.09 -5.47 19.71
C SER B 163 -7.87 -6.73 19.23
N MET B 164 -8.63 -7.37 20.10
CA MET B 164 -9.47 -8.54 19.68
C MET B 164 -10.39 -8.11 18.53
N THR B 165 -10.99 -6.92 18.61
CA THR B 165 -12.00 -6.48 17.64
C THR B 165 -11.28 -6.16 16.33
N LYS B 166 -10.02 -5.69 16.39
CA LYS B 166 -9.26 -5.39 15.16
C LYS B 166 -8.85 -6.72 14.52
N GLY B 167 -8.57 -7.74 15.32
CA GLY B 167 -8.28 -9.09 14.80
C GLY B 167 -9.46 -9.63 14.05
N ALA B 168 -10.66 -9.39 14.55
CA ALA B 168 -11.89 -9.83 13.87
C ALA B 168 -12.07 -8.97 12.60
N LEU B 169 -11.83 -7.67 12.69
CA LEU B 169 -11.96 -6.78 11.52
C LEU B 169 -11.07 -7.28 10.39
N GLU B 170 -9.83 -7.67 10.68
CA GLU B 170 -8.89 -8.12 9.63
C GLU B 170 -9.40 -9.40 8.96
N GLN B 171 -10.17 -10.22 9.66
CA GLN B 171 -10.75 -11.44 9.05
C GLN B 171 -11.84 -11.06 8.05
N ILE B 172 -12.53 -9.96 8.27
CA ILE B 172 -13.49 -9.43 7.28
C ILE B 172 -12.70 -9.16 5.99
N THR B 173 -11.53 -8.52 6.12
CA THR B 173 -10.67 -8.20 4.96
C THR B 173 -10.32 -9.49 4.22
N LEU B 174 -9.78 -10.49 4.89
CA LEU B 174 -9.32 -11.72 4.23
C LEU B 174 -10.50 -12.40 3.52
N HIS B 175 -11.60 -12.71 4.22
CA HIS B 175 -12.64 -13.63 3.69
C HIS B 175 -13.49 -12.86 2.69
N MET B 176 -13.80 -11.59 2.97
CA MET B 176 -14.62 -10.79 2.03
C MET B 176 -13.82 -10.42 0.78
N ALA B 177 -12.49 -10.33 0.84
CA ALA B 177 -11.68 -10.09 -0.40
C ALA B 177 -11.92 -11.22 -1.39
N LYS B 178 -11.85 -12.45 -0.91
CA LYS B 178 -12.01 -13.66 -1.77
C LYS B 178 -13.46 -13.67 -2.27
N HIS B 179 -14.41 -13.33 -1.42
CA HIS B 179 -15.85 -13.39 -1.76
C HIS B 179 -16.17 -12.36 -2.84
N LEU B 180 -15.56 -11.18 -2.78
CA LEU B 180 -16.04 -10.04 -3.63
C LEU B 180 -15.12 -9.91 -4.83
N ALA B 181 -14.05 -10.71 -4.93
CA ALA B 181 -13.13 -10.65 -6.11
C ALA B 181 -13.89 -10.89 -7.42
N PRO B 182 -14.90 -11.80 -7.54
CA PRO B 182 -15.64 -11.95 -8.80
C PRO B 182 -16.42 -10.71 -9.19
N ARG B 183 -16.77 -9.82 -8.26
CA ARG B 183 -17.42 -8.53 -8.64
CA ARG B 183 -17.43 -8.51 -8.55
C ARG B 183 -16.38 -7.42 -8.84
N GLY B 184 -15.08 -7.72 -8.74
CA GLY B 184 -14.08 -6.65 -8.98
C GLY B 184 -14.02 -5.60 -7.86
N ILE B 185 -14.54 -5.95 -6.68
CA ILE B 185 -14.46 -5.15 -5.45
C ILE B 185 -13.28 -5.67 -4.63
N THR B 186 -12.38 -4.80 -4.20
CA THR B 186 -11.22 -5.20 -3.38
C THR B 186 -11.55 -4.84 -1.92
N VAL B 187 -11.00 -5.60 -1.00
CA VAL B 187 -11.15 -5.36 0.45
C VAL B 187 -9.72 -5.43 1.06
N ASN B 188 -9.32 -4.42 1.81
CA ASN B 188 -7.94 -4.26 2.32
C ASN B 188 -8.03 -3.67 3.73
N SER B 189 -7.04 -4.05 4.54
CA SER B 189 -6.83 -3.46 5.88
C SER B 189 -5.73 -2.39 5.76
N VAL B 190 -5.93 -1.21 6.33
CA VAL B 190 -4.82 -0.26 6.50
C VAL B 190 -4.57 -0.09 8.00
N ALA B 191 -3.33 -0.26 8.44
CA ALA B 191 -2.98 -0.36 9.87
C ALA B 191 -2.17 0.85 10.26
N PRO B 192 -2.76 1.82 10.99
CA PRO B 192 -1.98 2.92 11.53
C PRO B 192 -1.12 2.41 12.67
N GLY B 193 -0.19 3.25 13.07
CA GLY B 193 0.88 2.90 13.99
C GLY B 193 0.53 3.11 15.45
N ILE B 194 1.54 2.91 16.27
CA ILE B 194 1.46 2.96 17.75
C ILE B 194 2.59 3.88 18.26
N THR B 195 2.44 4.36 19.49
CA THR B 195 3.48 5.10 20.28
C THR B 195 3.24 4.86 21.77
N GLY B 199 5.54 4.86 29.17
CA GLY B 199 5.23 3.46 29.54
C GLY B 199 4.11 2.90 28.70
N ALA B 200 3.00 3.65 28.54
CA ALA B 200 1.73 3.17 27.93
C ALA B 200 1.77 3.27 26.39
N VAL B 201 1.40 2.17 25.73
CA VAL B 201 1.41 2.10 24.23
C VAL B 201 -0.02 2.29 23.69
N PHE B 202 -0.24 3.27 22.82
CA PHE B 202 -1.54 3.52 22.16
C PHE B 202 -1.37 3.53 20.63
N ASP B 203 -2.45 3.27 19.90
CA ASP B 203 -2.43 3.51 18.43
C ASP B 203 -2.86 4.95 18.11
N ILE B 204 -2.77 5.34 16.83
CA ILE B 204 -3.03 6.72 16.31
C ILE B 204 -4.48 7.10 16.62
N PRO B 205 -5.49 6.28 16.27
CA PRO B 205 -6.88 6.60 16.65
C PRO B 205 -7.05 6.91 18.17
N GLU B 206 -6.37 6.14 19.05
CA GLU B 206 -6.37 6.39 20.52
C GLU B 206 -5.72 7.77 20.82
N ILE B 207 -4.54 8.07 20.26
CA ILE B 207 -3.85 9.38 20.46
C ILE B 207 -4.72 10.55 19.96
N VAL B 208 -5.40 10.39 18.84
CA VAL B 208 -6.34 11.43 18.30
C VAL B 208 -7.38 11.77 19.39
N GLU B 209 -8.04 10.75 19.97
CA GLU B 209 -9.12 10.90 21.00
C GLU B 209 -8.59 11.54 22.31
N GLN B 210 -7.45 11.09 22.82
CA GLN B 210 -6.75 11.72 23.97
C GLN B 210 -6.50 13.22 23.71
N MET B 211 -5.93 13.60 22.55
CA MET B 211 -5.58 15.01 22.22
C MET B 211 -6.84 15.82 21.89
N ALA B 212 -7.93 15.21 21.39
CA ALA B 212 -9.30 15.77 21.43
C ALA B 212 -9.96 15.45 22.78
N GLY B 221 2.64 9.85 13.91
CA GLY B 221 1.71 8.99 13.18
C GLY B 221 0.56 9.81 12.64
N GLU B 222 0.86 10.86 11.86
CA GLU B 222 -0.17 11.89 11.57
C GLU B 222 -1.27 11.31 10.63
N ALA B 223 -2.46 11.78 10.90
CA ALA B 223 -3.72 11.28 10.35
C ALA B 223 -3.66 11.42 8.83
N GLY B 224 -3.03 12.46 8.32
CA GLY B 224 -2.89 12.73 6.85
C GLY B 224 -2.00 11.71 6.17
N ASP B 225 -0.91 11.31 6.82
CA ASP B 225 -0.04 10.23 6.32
C ASP B 225 -0.82 8.91 6.20
N VAL B 226 -1.64 8.55 7.16
CA VAL B 226 -2.43 7.31 7.01
C VAL B 226 -3.48 7.51 5.92
N ALA B 227 -4.12 8.68 5.91
CA ALA B 227 -5.23 8.94 4.96
C ALA B 227 -4.71 8.92 3.53
N ASP B 228 -3.47 9.36 3.29
CA ASP B 228 -2.87 9.31 1.93
C ASP B 228 -2.79 7.84 1.45
N VAL B 229 -2.48 6.89 2.35
CA VAL B 229 -2.44 5.46 1.97
C VAL B 229 -3.87 5.01 1.63
N VAL B 230 -4.81 5.36 2.48
CA VAL B 230 -6.22 4.94 2.26
C VAL B 230 -6.69 5.49 0.93
N THR B 231 -6.30 6.73 0.63
CA THR B 231 -6.72 7.40 -0.63
C THR B 231 -6.16 6.57 -1.79
N PHE B 232 -4.90 6.20 -1.76
CA PHE B 232 -4.31 5.36 -2.85
C PHE B 232 -5.17 4.09 -3.01
N ILE B 233 -5.47 3.40 -1.91
CA ILE B 233 -6.18 2.10 -1.98
C ILE B 233 -7.57 2.33 -2.61
N ALA B 234 -8.22 3.48 -2.35
CA ALA B 234 -9.52 3.87 -2.92
C ALA B 234 -9.46 4.06 -4.42
N THR B 235 -8.28 4.21 -5.03
CA THR B 235 -8.16 4.52 -6.49
C THR B 235 -8.04 3.25 -7.35
N ASP B 236 -8.15 3.43 -8.65
CA ASP B 236 -8.09 2.32 -9.63
C ASP B 236 -6.72 1.62 -9.60
N GLU B 237 -5.64 2.35 -9.30
CA GLU B 237 -4.25 1.84 -9.42
C GLU B 237 -3.93 0.81 -8.34
N SER B 238 -4.82 0.61 -7.36
CA SER B 238 -4.67 -0.43 -6.32
C SER B 238 -5.38 -1.72 -6.72
N ARG B 239 -5.87 -1.86 -7.97
CA ARG B 239 -6.77 -2.99 -8.36
C ARG B 239 -6.11 -4.35 -8.09
N TRP B 240 -4.79 -4.46 -8.09
CA TRP B 240 -4.11 -5.77 -7.91
C TRP B 240 -3.80 -6.05 -6.43
N ILE B 241 -4.22 -5.17 -5.52
CA ILE B 241 -4.10 -5.38 -4.05
C ILE B 241 -5.49 -5.73 -3.48
N THR B 242 -5.66 -6.92 -2.94
CA THR B 242 -6.92 -7.31 -2.24
C THR B 242 -6.59 -8.29 -1.13
N GLY B 243 -7.34 -8.23 -0.04
CA GLY B 243 -7.14 -9.18 1.05
C GLY B 243 -5.85 -8.85 1.80
N ALA B 244 -5.29 -7.64 1.66
CA ALA B 244 -3.94 -7.37 2.16
C ALA B 244 -3.99 -6.60 3.47
N PHE B 245 -2.90 -6.72 4.22
CA PHE B 245 -2.59 -5.86 5.38
C PHE B 245 -1.55 -4.82 4.91
N ILE B 246 -1.98 -3.56 4.89
CA ILE B 246 -1.16 -2.42 4.44
C ILE B 246 -0.64 -1.72 5.69
N ASP B 247 0.66 -1.82 5.93
CA ASP B 247 1.31 -1.21 7.12
C ASP B 247 1.48 0.30 6.88
N ALA B 248 0.63 1.13 7.47
CA ALA B 248 0.80 2.60 7.45
C ALA B 248 1.17 3.10 8.85
N SER B 249 2.13 2.46 9.51
CA SER B 249 2.52 2.70 10.92
C SER B 249 3.69 3.66 10.99
N GLY B 250 4.16 4.16 9.86
CA GLY B 250 5.33 5.05 9.82
C GLY B 250 6.53 4.35 10.37
N GLY B 251 6.66 3.05 10.10
CA GLY B 251 7.79 2.26 10.58
C GLY B 251 7.69 1.85 12.05
N THR B 252 6.60 2.18 12.78
CA THR B 252 6.48 1.84 14.22
C THR B 252 6.33 0.32 14.42
N LEU B 253 5.90 -0.45 13.43
CA LEU B 253 5.83 -1.93 13.51
C LEU B 253 7.21 -2.58 13.35
N LEU B 254 8.25 -1.83 13.02
CA LEU B 254 9.65 -2.34 12.97
C LEU B 254 10.17 -2.47 14.41
N GLY B 255 9.57 -1.71 15.35
CA GLY B 255 9.96 -1.62 16.76
C GLY B 255 11.17 -0.71 16.91
#